data_6LVK
#
_entry.id   6LVK
#
_cell.length_a   64.272
_cell.length_b   105.571
_cell.length_c   116.260
_cell.angle_alpha   90.000
_cell.angle_beta   90.000
_cell.angle_gamma   90.000
#
_symmetry.space_group_name_H-M   'P 2 21 21'
#
loop_
_entity.id
_entity.type
_entity.pdbx_description
1 polymer 'Fibroblast growth factor receptor 2'
2 non-polymer N-ethyl-2-[[4-[[4-(4-methylpiperazin-1-yl)-3-(2-morpholin-4-ylethoxy)phenyl]amino]-1,3,5-triazin-2-yl]amino]benzenesulfonamide
3 non-polymer 'SULFATE ION'
4 water water
#
_entity_poly.entity_id   1
_entity_poly.type   'polypeptide(L)'
_entity_poly.pdbx_seq_one_letter_code
;GSHMLAGVSEYELPEDPKWEFPRDKLTLGKPLGEGCFGQVVMAEAVGIDKDKPKEAVTVAVKMLKDDATEKDLSDLVSEM
EMMKMIGKHKNIINLLGACTQDGPL(PTR)VIVEYASKGNLREYLRARRPPGMEYSYDINRVPEEQMTFKDLVSCTYQLA
RGMEYLASQKCIHRDLAARNVLVTENNVMKIADFGLARDINNIDYYKKTTNGRLPVKWMAPEALFDRVYTHQSDVWSFGV
LMWEIFTLGGSPYPGIPVEELFKLLKEGHRMDKPANCTNELYMMMRDCWHAVPSQRPTFKQLVEDLDRILTLTTNEE
;
_entity_poly.pdbx_strand_id   A,B
#
loop_
_chem_comp.id
_chem_comp.type
_chem_comp.name
_chem_comp.formula
EVC non-polymer N-ethyl-2-[[4-[[4-(4-methylpiperazin-1-yl)-3-(2-morpholin-4-ylethoxy)phenyl]amino]-1,3,5-triazin-2-yl]amino]benzenesulfonamide 'C28 H39 N9 O4 S'
SO4 non-polymer 'SULFATE ION' 'O4 S -2'
#
# COMPACT_ATOMS: atom_id res chain seq x y z
N LEU A 13 -3.85 0.75 23.65
CA LEU A 13 -2.58 -0.05 23.84
C LEU A 13 -2.24 -0.08 25.32
N PRO A 14 -2.35 -1.24 26.02
CA PRO A 14 -1.99 -1.32 27.44
C PRO A 14 -0.48 -1.18 27.58
N GLU A 15 -0.02 -0.40 28.57
CA GLU A 15 1.36 -0.01 28.65
C GLU A 15 2.23 -1.24 28.94
N ASP A 16 3.18 -1.52 28.04
CA ASP A 16 4.11 -2.61 28.24
C ASP A 16 5.37 -2.07 28.90
N PRO A 17 5.64 -2.43 30.18
CA PRO A 17 6.79 -1.93 30.93
C PRO A 17 8.14 -2.27 30.29
N LYS A 18 8.38 -3.55 29.96
CA LYS A 18 9.69 -3.95 29.48
C LYS A 18 10.08 -3.19 28.22
N TRP A 19 9.09 -2.84 27.38
CA TRP A 19 9.38 -2.44 26.00
C TRP A 19 9.29 -0.93 25.79
N GLU A 20 8.61 -0.21 26.68
CA GLU A 20 8.37 1.21 26.46
C GLU A 20 9.69 1.98 26.45
N PHE A 21 9.83 2.93 25.53
CA PHE A 21 11.03 3.73 25.45
C PHE A 21 10.65 5.22 25.52
N PRO A 22 11.35 6.03 26.37
CA PRO A 22 11.14 7.48 26.43
C PRO A 22 11.15 8.24 25.12
N ARG A 23 10.03 8.91 24.82
CA ARG A 23 9.89 9.69 23.59
C ARG A 23 10.97 10.78 23.50
N ASP A 24 11.34 11.34 24.66
CA ASP A 24 12.21 12.51 24.70
C ASP A 24 13.67 12.10 24.45
N LYS A 25 13.94 10.79 24.55
CA LYS A 25 15.29 10.25 24.41
C LYS A 25 15.57 9.77 22.99
N LEU A 26 14.67 10.11 22.05
CA LEU A 26 14.76 9.65 20.67
C LEU A 26 14.77 10.85 19.73
N THR A 27 15.72 10.86 18.78
CA THR A 27 15.84 11.94 17.82
C THR A 27 15.71 11.39 16.39
N LEU A 28 14.59 11.71 15.75
CA LEU A 28 14.29 11.26 14.39
C LEU A 28 15.20 11.97 13.38
N GLY A 29 15.62 11.22 12.35
CA GLY A 29 16.56 11.70 11.35
C GLY A 29 16.11 11.37 9.93
N LYS A 30 17.08 11.05 9.07
CA LYS A 30 16.87 10.91 7.65
C LYS A 30 15.87 9.78 7.37
N PRO A 31 14.92 9.96 6.41
CA PRO A 31 14.00 8.87 6.04
C PRO A 31 14.70 7.70 5.35
N LEU A 32 14.19 6.48 5.56
CA LEU A 32 14.77 5.28 4.96
C LEU A 32 13.86 4.72 3.89
N GLY A 33 12.55 4.94 4.03
CA GLY A 33 11.62 4.32 3.10
C GLY A 33 10.16 4.59 3.45
N GLU A 34 9.30 4.40 2.45
CA GLU A 34 7.91 4.79 2.51
C GLU A 34 7.14 3.80 1.65
N GLY A 35 6.05 3.24 2.18
CA GLY A 35 5.24 2.30 1.42
C GLY A 35 3.76 2.63 1.53
N CYS A 36 2.92 1.62 1.27
CA CYS A 36 1.49 1.74 1.49
C CYS A 36 1.21 1.53 2.98
N PHE A 37 2.13 0.82 3.65
CA PHE A 37 2.08 0.42 5.04
C PHE A 37 2.28 1.63 5.97
N GLY A 38 3.37 2.37 5.75
CA GLY A 38 3.78 3.52 6.54
C GLY A 38 5.15 4.07 6.13
N GLN A 39 5.96 4.47 7.12
CA GLN A 39 7.25 5.04 6.79
C GLN A 39 8.28 4.65 7.86
N VAL A 40 9.54 4.60 7.43
CA VAL A 40 10.60 4.26 8.36
C VAL A 40 11.67 5.35 8.29
N VAL A 41 12.13 5.79 9.46
CA VAL A 41 13.21 6.76 9.50
C VAL A 41 14.33 6.21 10.39
N MET A 42 15.56 6.62 10.07
CA MET A 42 16.71 6.60 10.96
C MET A 42 16.44 7.48 12.17
N ALA A 43 17.13 7.19 13.28
CA ALA A 43 16.99 7.97 14.50
C ALA A 43 18.10 7.61 15.49
N GLU A 44 18.35 8.53 16.43
CA GLU A 44 19.26 8.30 17.54
C GLU A 44 18.45 8.04 18.81
N ALA A 45 18.79 6.96 19.52
CA ALA A 45 18.12 6.65 20.77
C ALA A 45 19.15 6.55 21.91
N VAL A 46 19.07 7.49 22.85
CA VAL A 46 19.95 7.59 24.01
C VAL A 46 19.44 6.62 25.08
N GLY A 47 20.22 5.57 25.35
CA GLY A 47 19.96 4.71 26.49
C GLY A 47 19.10 3.49 26.16
N ILE A 48 18.73 3.34 24.88
CA ILE A 48 17.94 2.20 24.46
C ILE A 48 18.73 0.93 24.78
N ASP A 49 20.04 1.05 24.57
CA ASP A 49 21.01 0.11 25.12
C ASP A 49 21.23 0.47 26.60
N LYS A 50 20.30 0.04 27.45
CA LYS A 50 20.68 -0.37 28.79
C LYS A 50 21.61 -1.55 28.57
N ASP A 51 22.76 -1.58 29.23
CA ASP A 51 23.04 -0.84 30.45
C ASP A 51 23.96 0.36 30.18
N LYS A 52 24.02 0.82 28.91
CA LYS A 52 24.87 1.94 28.54
C LYS A 52 24.05 3.22 28.48
N PRO A 53 23.36 3.65 29.57
CA PRO A 53 22.29 4.65 29.46
C PRO A 53 22.82 6.01 29.01
N LYS A 54 24.14 6.06 28.79
CA LYS A 54 24.84 7.23 28.30
C LYS A 54 24.73 7.28 26.78
N GLU A 55 24.84 6.10 26.16
CA GLU A 55 25.21 5.98 24.76
C GLU A 55 23.99 5.98 23.85
N ALA A 56 24.09 6.83 22.82
CA ALA A 56 23.11 7.01 21.76
C ALA A 56 23.41 6.05 20.61
N VAL A 57 22.39 5.27 20.24
CA VAL A 57 22.47 4.23 19.22
C VAL A 57 21.64 4.66 18.00
N THR A 58 22.22 4.51 16.80
CA THR A 58 21.43 4.58 15.57
C THR A 58 20.43 3.43 15.54
N VAL A 59 19.16 3.75 15.24
CA VAL A 59 18.07 2.80 15.23
C VAL A 59 17.24 3.09 13.97
N ALA A 60 16.27 2.23 13.71
CA ALA A 60 15.29 2.52 12.67
C ALA A 60 13.93 2.62 13.36
N VAL A 61 13.07 3.53 12.87
CA VAL A 61 11.80 3.75 13.54
C VAL A 61 10.68 3.66 12.51
N LYS A 62 9.75 2.74 12.78
CA LYS A 62 8.62 2.50 11.90
C LYS A 62 7.39 3.15 12.52
N MET A 63 6.61 3.85 11.68
CA MET A 63 5.45 4.58 12.17
C MET A 63 4.46 4.77 11.01
N LEU A 64 3.26 5.27 11.34
CA LEU A 64 2.22 5.52 10.35
C LEU A 64 2.48 6.80 9.55
N LYS A 65 1.85 6.91 8.38
CA LYS A 65 1.86 8.13 7.58
C LYS A 65 0.55 8.88 7.84
N ASP A 66 0.44 10.08 7.26
CA ASP A 66 -0.65 10.98 7.61
C ASP A 66 -1.98 10.44 7.08
N ASP A 67 -1.91 9.56 6.08
CA ASP A 67 -3.08 9.02 5.41
C ASP A 67 -3.38 7.60 5.91
N ALA A 68 -2.88 7.25 7.10
CA ALA A 68 -3.01 5.87 7.58
C ALA A 68 -4.48 5.51 7.81
N THR A 69 -4.79 4.20 7.72
CA THR A 69 -6.11 3.63 7.95
C THR A 69 -6.13 2.92 9.30
N GLU A 70 -7.33 2.54 9.78
CA GLU A 70 -7.46 1.73 10.97
C GLU A 70 -6.61 0.47 10.85
N LYS A 71 -6.71 -0.18 9.68
CA LYS A 71 -5.99 -1.43 9.44
C LYS A 71 -4.48 -1.19 9.52
N ASP A 72 -4.02 -0.04 9.02
CA ASP A 72 -2.61 0.31 9.10
C ASP A 72 -2.13 0.26 10.55
N LEU A 73 -2.91 0.85 11.46
CA LEU A 73 -2.51 0.93 12.85
C LEU A 73 -2.46 -0.48 13.43
N SER A 74 -3.53 -1.28 13.22
CA SER A 74 -3.55 -2.57 13.90
C SER A 74 -2.52 -3.52 13.32
N ASP A 75 -2.12 -3.30 12.06
CA ASP A 75 -1.04 -4.05 11.45
C ASP A 75 0.31 -3.67 12.07
N LEU A 76 0.51 -2.38 12.34
CA LEU A 76 1.75 -1.95 12.97
C LEU A 76 1.81 -2.53 14.40
N VAL A 77 0.68 -2.50 15.12
CA VAL A 77 0.58 -3.10 16.43
C VAL A 77 0.95 -4.60 16.38
N SER A 78 0.34 -5.36 15.45
CA SER A 78 0.60 -6.80 15.37
C SER A 78 2.05 -7.09 15.05
N GLU A 79 2.64 -6.32 14.14
CA GLU A 79 4.02 -6.50 13.76
C GLU A 79 4.92 -6.37 14.99
N MET A 80 4.65 -5.35 15.81
CA MET A 80 5.33 -5.11 17.07
C MET A 80 5.10 -6.29 18.03
N GLU A 81 3.85 -6.69 18.23
CA GLU A 81 3.54 -7.78 19.15
C GLU A 81 4.29 -9.04 18.74
N MET A 82 4.27 -9.35 17.43
CA MET A 82 4.95 -10.54 16.94
C MET A 82 6.44 -10.49 17.29
N MET A 83 7.04 -9.29 17.17
CA MET A 83 8.49 -9.20 17.32
C MET A 83 8.89 -9.44 18.78
N LYS A 84 7.98 -9.14 19.71
CA LYS A 84 8.17 -9.36 21.14
C LYS A 84 8.18 -10.85 21.47
N MET A 85 7.42 -11.66 20.71
CA MET A 85 7.17 -13.06 21.06
C MET A 85 8.26 -13.99 20.51
N ILE A 86 8.99 -13.58 19.48
CA ILE A 86 10.06 -14.42 18.97
C ILE A 86 11.37 -14.01 19.65
N GLY A 87 12.16 -15.00 20.07
CA GLY A 87 13.38 -14.69 20.82
C GLY A 87 14.46 -14.03 19.95
N LYS A 88 15.63 -13.76 20.54
CA LYS A 88 16.75 -13.22 19.79
C LYS A 88 17.30 -14.30 18.87
N HIS A 89 17.55 -13.94 17.62
CA HIS A 89 18.36 -14.77 16.74
C HIS A 89 19.22 -13.89 15.83
N LYS A 90 20.41 -14.38 15.52
CA LYS A 90 21.39 -13.67 14.72
C LYS A 90 20.78 -13.23 13.39
N ASN A 91 19.86 -14.03 12.82
CA ASN A 91 19.36 -13.75 11.47
C ASN A 91 17.92 -13.22 11.47
N ILE A 92 17.50 -12.59 12.57
CA ILE A 92 16.21 -11.91 12.61
C ILE A 92 16.40 -10.49 13.15
N ILE A 93 15.82 -9.49 12.48
CA ILE A 93 15.92 -8.12 12.97
C ILE A 93 15.34 -8.07 14.39
N ASN A 94 16.04 -7.40 15.30
CA ASN A 94 15.57 -7.29 16.68
C ASN A 94 14.73 -6.03 16.86
N LEU A 95 13.61 -6.20 17.58
CA LEU A 95 12.88 -5.08 18.14
C LEU A 95 13.71 -4.52 19.29
N LEU A 96 13.85 -3.19 19.35
CA LEU A 96 14.62 -2.56 20.41
C LEU A 96 13.71 -1.90 21.43
N GLY A 97 12.57 -1.35 20.98
CA GLY A 97 11.56 -0.79 21.88
C GLY A 97 10.40 -0.15 21.12
N ALA A 98 9.57 0.62 21.85
CA ALA A 98 8.36 1.23 21.31
C ALA A 98 7.95 2.46 22.13
N CYS A 99 7.59 3.54 21.45
CA CYS A 99 6.87 4.64 22.07
C CYS A 99 5.38 4.50 21.72
N THR A 100 4.58 4.24 22.75
CA THR A 100 3.19 3.84 22.54
C THR A 100 2.26 4.76 23.30
N GLN A 101 2.84 5.61 24.17
CA GLN A 101 2.05 6.44 25.07
C GLN A 101 2.12 7.89 24.61
N ASP A 102 0.98 8.59 24.76
CA ASP A 102 0.91 10.04 24.58
C ASP A 102 1.72 10.45 23.36
N GLY A 103 1.26 9.99 22.18
CA GLY A 103 1.85 10.32 20.89
C GLY A 103 1.64 9.21 19.85
N PRO A 104 2.13 9.41 18.61
CA PRO A 104 1.99 8.39 17.55
C PRO A 104 2.78 7.12 17.86
N LEU A 105 2.26 5.95 17.48
CA LEU A 105 2.95 4.68 17.72
C LEU A 105 4.31 4.68 17.04
N PTR A 106 5.41 4.57 17.62
CA PTR A 106 6.72 4.46 17.00
C PTR A 106 7.29 3.07 17.26
O PTR A 106 7.49 2.53 18.22
CB PTR A 106 7.70 5.34 17.74
CG PTR A 106 7.57 6.76 17.32
CD1 PTR A 106 8.32 7.74 17.96
CD2 PTR A 106 6.71 7.13 16.30
CE1 PTR A 106 8.21 9.06 17.59
CE2 PTR A 106 6.60 8.45 15.92
CZ PTR A 106 7.35 9.41 16.58
OH PTR A 106 7.18 10.70 16.11
P PTR A 106 7.02 12.04 17.05
O1P PTR A 106 6.60 11.59 18.43
O2P PTR A 106 6.00 12.79 16.20
O3P PTR A 106 8.40 12.63 16.98
N VAL A 107 7.67 2.26 16.39
CA VAL A 107 8.21 0.94 16.66
C VAL A 107 9.70 0.95 16.31
N ILE A 108 10.54 0.80 17.35
CA ILE A 108 11.97 1.01 17.22
C ILE A 108 12.66 -0.34 16.97
N VAL A 109 13.37 -0.45 15.84
CA VAL A 109 14.08 -1.68 15.55
C VAL A 109 15.56 -1.39 15.31
N GLU A 110 16.38 -2.45 15.36
CA GLU A 110 17.81 -2.31 15.12
C GLU A 110 18.05 -1.88 13.68
N TYR A 111 19.04 -1.00 13.50
CA TYR A 111 19.32 -0.39 12.22
C TYR A 111 20.26 -1.27 11.41
N ALA A 112 19.95 -1.47 10.13
CA ALA A 112 20.84 -2.21 9.23
C ALA A 112 21.37 -1.23 8.20
N SER A 113 22.70 -1.09 8.15
CA SER A 113 23.33 -0.01 7.42
C SER A 113 23.38 -0.25 5.91
N LYS A 114 23.09 -1.47 5.44
CA LYS A 114 23.27 -1.73 4.02
C LYS A 114 21.94 -1.95 3.28
N GLY A 115 20.81 -1.69 3.93
CA GLY A 115 19.51 -1.68 3.26
C GLY A 115 18.94 -3.07 3.02
N ASN A 116 18.00 -3.18 2.08
CA ASN A 116 17.35 -4.46 1.84
C ASN A 116 18.19 -5.26 0.85
N LEU A 117 17.99 -6.58 0.86
CA LEU A 117 18.81 -7.54 0.13
C LEU A 117 18.68 -7.34 -1.38
N ARG A 118 17.48 -7.03 -1.87
CA ARG A 118 17.33 -6.79 -3.30
C ARG A 118 18.26 -5.66 -3.76
N GLU A 119 18.19 -4.50 -3.10
CA GLU A 119 19.02 -3.36 -3.47
C GLU A 119 20.49 -3.70 -3.28
N TYR A 120 20.76 -4.47 -2.23
CA TYR A 120 22.13 -4.79 -1.88
C TYR A 120 22.77 -5.62 -2.98
N LEU A 121 22.02 -6.60 -3.51
CA LEU A 121 22.53 -7.51 -4.53
C LEU A 121 22.66 -6.80 -5.88
N ARG A 122 21.72 -5.92 -6.19
CA ARG A 122 21.71 -5.18 -7.45
C ARG A 122 22.93 -4.26 -7.54
N ALA A 123 23.22 -3.56 -6.44
CA ALA A 123 24.31 -2.59 -6.40
C ALA A 123 25.66 -3.28 -6.53
N ARG A 124 25.69 -4.62 -6.48
CA ARG A 124 26.99 -5.25 -6.52
C ARG A 124 26.97 -6.44 -7.48
N ARG A 125 26.22 -6.25 -8.56
CA ARG A 125 26.28 -7.06 -9.76
C ARG A 125 27.64 -6.87 -10.44
N PRO A 126 28.09 -7.80 -11.32
CA PRO A 126 29.28 -7.57 -12.13
C PRO A 126 29.09 -6.35 -13.04
N PRO A 127 30.12 -5.49 -13.19
CA PRO A 127 30.01 -4.24 -13.96
C PRO A 127 29.36 -4.27 -15.34
N GLY A 128 29.36 -5.45 -15.98
CA GLY A 128 28.73 -5.63 -17.28
C GLY A 128 27.25 -5.95 -17.15
N GLU A 140 29.78 -1.46 -4.07
CA GLU A 140 30.16 -1.93 -5.44
C GLU A 140 31.26 -2.99 -5.33
N GLU A 141 31.16 -3.82 -4.29
CA GLU A 141 32.01 -4.98 -4.03
C GLU A 141 31.29 -6.24 -4.52
N GLN A 142 31.63 -6.69 -5.74
CA GLN A 142 30.97 -7.79 -6.46
C GLN A 142 30.76 -9.00 -5.54
N MET A 143 29.62 -9.69 -5.73
CA MET A 143 29.27 -10.87 -4.94
C MET A 143 30.02 -12.08 -5.48
N THR A 144 30.66 -12.84 -4.59
CA THR A 144 31.17 -14.15 -4.96
C THR A 144 30.04 -15.17 -4.83
N PHE A 145 30.16 -16.27 -5.58
CA PHE A 145 29.34 -17.46 -5.43
C PHE A 145 29.22 -17.88 -3.96
N LYS A 146 30.36 -17.92 -3.25
CA LYS A 146 30.37 -18.28 -1.84
C LYS A 146 29.49 -17.31 -1.04
N ASP A 147 29.57 -16.01 -1.37
CA ASP A 147 28.77 -14.99 -0.71
C ASP A 147 27.29 -15.27 -0.94
N LEU A 148 26.92 -15.65 -2.16
CA LEU A 148 25.52 -15.96 -2.44
C LEU A 148 25.05 -17.17 -1.62
N VAL A 149 25.90 -18.20 -1.51
CA VAL A 149 25.55 -19.39 -0.75
C VAL A 149 25.46 -19.02 0.73
N SER A 150 26.34 -18.14 1.19
CA SER A 150 26.37 -17.75 2.58
C SER A 150 25.08 -16.99 2.94
N CYS A 151 24.62 -16.10 2.03
CA CYS A 151 23.39 -15.35 2.27
C CYS A 151 22.25 -16.33 2.46
N THR A 152 22.15 -17.30 1.54
CA THR A 152 21.07 -18.28 1.51
C THR A 152 21.11 -19.10 2.80
N TYR A 153 22.32 -19.49 3.21
CA TYR A 153 22.50 -20.32 4.39
C TYR A 153 22.01 -19.56 5.62
N GLN A 154 22.40 -18.28 5.71
CA GLN A 154 22.02 -17.45 6.84
C GLN A 154 20.50 -17.36 6.93
N LEU A 155 19.85 -17.27 5.76
CA LEU A 155 18.43 -17.02 5.75
C LEU A 155 17.67 -18.29 6.12
N ALA A 156 18.22 -19.45 5.73
CA ALA A 156 17.68 -20.76 6.08
C ALA A 156 17.77 -20.99 7.59
N ARG A 157 18.88 -20.53 8.20
CA ARG A 157 19.03 -20.63 9.64
C ARG A 157 18.02 -19.74 10.35
N GLY A 158 17.75 -18.55 9.80
CA GLY A 158 16.78 -17.66 10.43
C GLY A 158 15.37 -18.25 10.36
N MET A 159 15.04 -18.85 9.21
CA MET A 159 13.72 -19.42 9.02
C MET A 159 13.54 -20.68 9.87
N GLU A 160 14.62 -21.47 10.03
CA GLU A 160 14.57 -22.69 10.83
C GLU A 160 14.30 -22.31 12.28
N TYR A 161 14.90 -21.21 12.74
CA TYR A 161 14.61 -20.67 14.05
C TYR A 161 13.13 -20.26 14.16
N LEU A 162 12.66 -19.43 13.22
CA LEU A 162 11.30 -18.90 13.20
C LEU A 162 10.27 -20.03 13.26
N ALA A 163 10.48 -21.05 12.42
CA ALA A 163 9.61 -22.22 12.37
C ALA A 163 9.57 -22.92 13.73
N SER A 164 10.72 -22.98 14.42
CA SER A 164 10.83 -23.63 15.70
C SER A 164 10.10 -22.83 16.79
N GLN A 165 9.86 -21.53 16.53
CA GLN A 165 9.14 -20.68 17.48
C GLN A 165 7.66 -20.62 17.11
N LYS A 166 7.22 -21.51 16.20
CA LYS A 166 5.83 -21.57 15.78
C LYS A 166 5.39 -20.33 15.00
N CYS A 167 6.34 -19.66 14.35
CA CYS A 167 6.03 -18.45 13.60
C CYS A 167 6.05 -18.74 12.10
N ILE A 168 4.98 -18.31 11.42
CA ILE A 168 4.98 -18.31 9.96
C ILE A 168 5.08 -16.86 9.53
N HIS A 169 6.06 -16.59 8.67
CA HIS A 169 6.39 -15.23 8.27
C HIS A 169 5.42 -14.75 7.18
N ARG A 170 5.23 -15.57 6.13
CA ARG A 170 4.21 -15.37 5.09
C ARG A 170 4.58 -14.28 4.08
N ASP A 171 5.70 -13.56 4.27
CA ASP A 171 6.03 -12.49 3.34
C ASP A 171 7.53 -12.47 3.07
N LEU A 172 8.11 -13.65 2.89
CA LEU A 172 9.53 -13.81 2.59
C LEU A 172 9.78 -13.35 1.15
N ALA A 173 10.78 -12.47 0.99
CA ALA A 173 11.18 -11.84 -0.27
C ALA A 173 12.48 -11.07 0.00
N ALA A 174 13.29 -10.86 -1.04
CA ALA A 174 14.59 -10.20 -0.88
C ALA A 174 14.42 -8.78 -0.33
N ARG A 175 13.31 -8.12 -0.71
CA ARG A 175 13.00 -6.77 -0.27
C ARG A 175 12.65 -6.72 1.21
N ASN A 176 12.37 -7.89 1.80
CA ASN A 176 12.02 -7.94 3.21
C ASN A 176 13.16 -8.52 4.05
N VAL A 177 14.37 -8.57 3.48
CA VAL A 177 15.59 -8.94 4.19
C VAL A 177 16.47 -7.70 4.31
N LEU A 178 17.13 -7.55 5.47
CA LEU A 178 18.03 -6.44 5.75
C LEU A 178 19.47 -6.97 5.86
N VAL A 179 20.43 -6.12 5.47
CA VAL A 179 21.85 -6.48 5.48
C VAL A 179 22.59 -5.51 6.40
N THR A 180 23.24 -6.03 7.46
CA THR A 180 23.97 -5.23 8.43
C THR A 180 25.34 -4.82 7.86
N GLU A 181 26.11 -4.07 8.65
CA GLU A 181 27.41 -3.56 8.23
C GLU A 181 28.36 -4.71 7.92
N ASN A 182 28.27 -5.80 8.71
CA ASN A 182 29.16 -6.95 8.58
C ASN A 182 28.54 -8.05 7.74
N ASN A 183 27.51 -7.70 6.95
CA ASN A 183 26.86 -8.59 6.00
C ASN A 183 26.09 -9.72 6.71
N VAL A 184 25.55 -9.47 7.91
CA VAL A 184 24.60 -10.41 8.50
C VAL A 184 23.24 -10.20 7.83
N MET A 185 22.59 -11.30 7.43
CA MET A 185 21.27 -11.25 6.83
C MET A 185 20.22 -11.22 7.93
N LYS A 186 19.26 -10.30 7.81
CA LYS A 186 18.24 -10.15 8.85
C LYS A 186 16.84 -10.20 8.24
N ILE A 187 16.13 -11.31 8.50
CA ILE A 187 14.72 -11.43 8.18
C ILE A 187 13.99 -10.32 8.92
N ALA A 188 13.17 -9.59 8.15
CA ALA A 188 12.50 -8.41 8.66
C ALA A 188 11.09 -8.38 8.07
N ASP A 189 10.38 -7.28 8.36
CA ASP A 189 9.01 -7.04 7.94
C ASP A 189 8.09 -8.16 8.40
N PHE A 190 7.77 -8.14 9.69
CA PHE A 190 6.88 -9.10 10.30
C PHE A 190 5.43 -8.63 10.25
N GLY A 191 5.11 -7.75 9.28
CA GLY A 191 3.78 -7.18 9.14
C GLY A 191 2.68 -8.20 8.85
N LEU A 192 3.01 -9.31 8.16
CA LEU A 192 2.01 -10.33 7.82
C LEU A 192 2.20 -11.63 8.61
N ALA A 193 3.19 -11.66 9.52
CA ALA A 193 3.60 -12.90 10.19
C ALA A 193 2.57 -13.29 11.25
N ARG A 194 2.43 -14.60 11.51
CA ARG A 194 1.44 -15.10 12.45
C ARG A 194 1.99 -16.27 13.27
N ASP A 195 1.47 -16.44 14.49
CA ASP A 195 1.53 -17.71 15.18
C ASP A 195 0.84 -18.78 14.30
N ILE A 196 1.39 -20.00 14.30
CA ILE A 196 0.92 -21.09 13.46
C ILE A 196 -0.57 -21.33 13.70
N ASN A 197 -1.04 -21.03 14.92
CA ASN A 197 -2.42 -21.31 15.30
C ASN A 197 -3.32 -20.10 15.03
N ASN A 198 -2.78 -19.02 14.46
CA ASN A 198 -3.56 -17.80 14.29
C ASN A 198 -3.74 -17.49 12.81
N ILE A 199 -4.28 -18.47 12.09
CA ILE A 199 -4.71 -18.41 10.70
C ILE A 199 -6.04 -19.18 10.65
N ASP A 200 -7.05 -18.63 9.96
CA ASP A 200 -8.35 -19.27 9.86
C ASP A 200 -8.39 -20.16 8.60
N TYR A 201 -8.10 -21.45 8.78
CA TYR A 201 -8.09 -22.40 7.67
C TYR A 201 -9.43 -22.37 6.93
N TYR A 202 -9.35 -22.31 5.60
CA TYR A 202 -10.43 -22.57 4.67
C TYR A 202 -11.34 -21.37 4.45
N LYS A 203 -11.14 -20.24 5.13
CA LYS A 203 -11.95 -19.06 4.86
C LYS A 203 -11.43 -18.36 3.60
N LYS A 204 -12.36 -17.85 2.78
CA LYS A 204 -12.02 -17.29 1.48
C LYS A 204 -11.14 -16.04 1.57
N THR A 205 -11.11 -15.36 2.72
CA THR A 205 -10.29 -14.16 2.85
C THR A 205 -8.89 -14.44 3.39
N THR A 206 -8.62 -15.67 3.83
CA THR A 206 -7.31 -16.01 4.37
C THR A 206 -6.27 -16.00 3.24
N ASN A 207 -5.15 -15.30 3.48
CA ASN A 207 -4.00 -15.19 2.59
C ASN A 207 -4.26 -14.20 1.45
N GLY A 208 -5.34 -13.40 1.57
CA GLY A 208 -5.72 -12.42 0.56
C GLY A 208 -4.68 -11.33 0.34
N ARG A 209 -3.77 -11.16 1.31
CA ARG A 209 -2.85 -10.03 1.25
C ARG A 209 -1.41 -10.49 1.08
N LEU A 210 -1.20 -11.74 0.64
CA LEU A 210 0.14 -12.25 0.40
C LEU A 210 0.54 -11.95 -1.05
N PRO A 211 1.76 -11.40 -1.30
CA PRO A 211 2.25 -11.24 -2.68
C PRO A 211 2.29 -12.54 -3.47
N VAL A 212 1.50 -12.59 -4.55
CA VAL A 212 1.21 -13.77 -5.36
C VAL A 212 2.49 -14.43 -5.90
N LYS A 213 3.46 -13.64 -6.36
CA LYS A 213 4.64 -14.26 -6.96
C LYS A 213 5.54 -14.95 -5.93
N TRP A 214 5.30 -14.72 -4.64
CA TRP A 214 6.12 -15.36 -3.62
C TRP A 214 5.35 -16.44 -2.86
N MET A 215 4.13 -16.76 -3.30
CA MET A 215 3.17 -17.45 -2.46
C MET A 215 3.05 -18.94 -2.83
N ALA A 216 3.06 -19.82 -1.82
CA ALA A 216 2.73 -21.22 -2.05
C ALA A 216 1.31 -21.35 -2.61
N PRO A 217 1.12 -22.19 -3.66
CA PRO A 217 -0.21 -22.44 -4.25
C PRO A 217 -1.30 -22.81 -3.25
N GLU A 218 -0.96 -23.63 -2.24
CA GLU A 218 -1.96 -24.08 -1.28
C GLU A 218 -2.49 -22.92 -0.43
N ALA A 219 -1.72 -21.82 -0.34
CA ALA A 219 -2.16 -20.66 0.44
C ALA A 219 -3.45 -20.10 -0.13
N LEU A 220 -3.59 -20.15 -1.47
CA LEU A 220 -4.76 -19.66 -2.16
C LEU A 220 -5.76 -20.80 -2.45
N PHE A 221 -5.27 -21.91 -2.99
CA PHE A 221 -6.14 -23.01 -3.39
C PHE A 221 -6.84 -23.63 -2.18
N ASP A 222 -6.12 -23.72 -1.05
CA ASP A 222 -6.63 -24.47 0.10
C ASP A 222 -6.96 -23.54 1.26
N ARG A 223 -6.37 -22.34 1.27
CA ARG A 223 -6.60 -21.37 2.33
C ARG A 223 -6.06 -21.89 3.66
N VAL A 224 -4.81 -22.39 3.63
CA VAL A 224 -4.08 -22.78 4.83
C VAL A 224 -2.71 -22.11 4.74
N TYR A 225 -1.93 -22.18 5.82
CA TYR A 225 -0.54 -21.76 5.76
C TYR A 225 0.27 -22.53 6.80
N THR A 226 1.33 -23.21 6.35
CA THR A 226 2.18 -23.98 7.25
C THR A 226 3.62 -23.50 7.06
N HIS A 227 4.57 -24.05 7.85
CA HIS A 227 5.99 -23.77 7.65
C HIS A 227 6.41 -24.13 6.21
N GLN A 228 5.78 -25.16 5.64
CA GLN A 228 6.08 -25.65 4.30
C GLN A 228 5.65 -24.63 3.24
N SER A 229 4.65 -23.78 3.55
CA SER A 229 4.32 -22.68 2.64
C SER A 229 5.45 -21.64 2.63
N ASP A 230 6.04 -21.39 3.80
CA ASP A 230 7.21 -20.52 3.90
C ASP A 230 8.36 -21.10 3.09
N VAL A 231 8.51 -22.44 3.09
CA VAL A 231 9.54 -23.07 2.26
C VAL A 231 9.38 -22.67 0.79
N TRP A 232 8.15 -22.71 0.27
CA TRP A 232 7.93 -22.30 -1.11
C TRP A 232 8.51 -20.91 -1.32
N SER A 233 8.18 -19.98 -0.40
CA SER A 233 8.62 -18.60 -0.49
C SER A 233 10.15 -18.54 -0.44
N PHE A 234 10.73 -19.37 0.43
CA PHE A 234 12.17 -19.45 0.54
C PHE A 234 12.79 -19.75 -0.83
N GLY A 235 12.20 -20.68 -1.59
CA GLY A 235 12.66 -21.00 -2.93
C GLY A 235 12.70 -19.80 -3.87
N VAL A 236 11.65 -18.97 -3.84
CA VAL A 236 11.62 -17.76 -4.65
C VAL A 236 12.70 -16.79 -4.18
N LEU A 237 12.89 -16.69 -2.87
CA LEU A 237 13.97 -15.88 -2.31
C LEU A 237 15.33 -16.34 -2.81
N MET A 238 15.56 -17.66 -2.84
CA MET A 238 16.83 -18.20 -3.33
C MET A 238 17.05 -17.77 -4.77
N TRP A 239 16.00 -17.86 -5.58
CA TRP A 239 16.09 -17.48 -6.99
C TRP A 239 16.45 -16.00 -7.10
N GLU A 240 15.83 -15.15 -6.25
CA GLU A 240 16.18 -13.73 -6.20
C GLU A 240 17.66 -13.55 -5.84
N ILE A 241 18.14 -14.36 -4.88
CA ILE A 241 19.54 -14.27 -4.48
C ILE A 241 20.46 -14.60 -5.65
N PHE A 242 20.19 -15.71 -6.34
CA PHE A 242 21.11 -16.19 -7.37
C PHE A 242 21.03 -15.39 -8.67
N THR A 243 19.97 -14.60 -8.85
CA THR A 243 19.88 -13.70 -10.00
C THR A 243 20.35 -12.32 -9.59
N LEU A 244 20.90 -12.21 -8.39
CA LEU A 244 21.45 -10.96 -7.89
C LEU A 244 20.37 -9.89 -7.85
N GLY A 245 19.16 -10.29 -7.46
CA GLY A 245 18.10 -9.35 -7.18
C GLY A 245 17.14 -9.20 -8.36
N GLY A 246 17.07 -10.21 -9.22
CA GLY A 246 16.15 -10.18 -10.34
C GLY A 246 14.70 -10.24 -9.87
N SER A 247 13.76 -10.06 -10.82
CA SER A 247 12.33 -10.06 -10.55
C SER A 247 11.75 -11.42 -10.89
N PRO A 248 11.09 -12.10 -9.93
CA PRO A 248 10.48 -13.41 -10.17
C PRO A 248 9.49 -13.40 -11.33
N TYR A 249 9.43 -14.53 -12.05
CA TYR A 249 8.55 -14.80 -13.18
C TYR A 249 8.51 -13.59 -14.12
N PRO A 250 9.65 -13.21 -14.76
CA PRO A 250 9.68 -11.98 -15.57
C PRO A 250 8.80 -12.14 -16.80
N GLY A 251 7.96 -11.14 -17.04
CA GLY A 251 7.10 -11.12 -18.21
C GLY A 251 5.76 -11.83 -17.97
N ILE A 252 5.64 -12.48 -16.82
CA ILE A 252 4.40 -13.16 -16.48
C ILE A 252 3.62 -12.28 -15.51
N PRO A 253 2.34 -11.96 -15.82
CA PRO A 253 1.51 -11.16 -14.92
C PRO A 253 0.89 -12.01 -13.83
N VAL A 254 0.67 -11.39 -12.67
CA VAL A 254 0.27 -12.11 -11.47
C VAL A 254 -1.04 -12.84 -11.72
N GLU A 255 -1.89 -12.28 -12.59
CA GLU A 255 -3.23 -12.84 -12.82
C GLU A 255 -3.15 -14.12 -13.66
N GLU A 256 -1.98 -14.38 -14.26
CA GLU A 256 -1.80 -15.58 -15.06
C GLU A 256 -0.99 -16.64 -14.31
N LEU A 257 -0.43 -16.30 -13.14
CA LEU A 257 0.63 -17.12 -12.57
C LEU A 257 0.13 -18.50 -12.12
N PHE A 258 -0.99 -18.53 -11.41
CA PHE A 258 -1.40 -19.77 -10.77
C PHE A 258 -1.76 -20.82 -11.83
N LYS A 259 -2.43 -20.37 -12.91
CA LYS A 259 -2.75 -21.26 -14.02
C LYS A 259 -1.46 -21.90 -14.52
N LEU A 260 -0.39 -21.10 -14.66
CA LEU A 260 0.90 -21.58 -15.12
C LEU A 260 1.55 -22.55 -14.13
N LEU A 261 1.34 -22.34 -12.82
CA LEU A 261 1.98 -23.16 -11.80
C LEU A 261 1.31 -24.53 -11.73
N LYS A 262 -0.02 -24.57 -11.83
CA LYS A 262 -0.77 -25.81 -11.85
C LYS A 262 -0.32 -26.67 -13.03
N GLU A 263 -0.04 -26.02 -14.17
CA GLU A 263 0.42 -26.70 -15.38
C GLU A 263 1.87 -27.13 -15.26
N GLY A 264 2.54 -26.72 -14.17
CA GLY A 264 3.88 -27.24 -13.87
C GLY A 264 5.01 -26.28 -14.23
N HIS A 265 4.69 -25.05 -14.65
CA HIS A 265 5.71 -24.03 -14.93
C HIS A 265 6.49 -23.70 -13.65
N ARG A 266 7.80 -23.61 -13.78
CA ARG A 266 8.67 -23.12 -12.71
C ARG A 266 9.72 -22.23 -13.34
N MET A 267 10.19 -21.24 -12.58
CA MET A 267 11.25 -20.39 -13.08
C MET A 267 12.46 -21.22 -13.49
N ASP A 268 13.25 -20.66 -14.41
CA ASP A 268 14.43 -21.31 -14.98
C ASP A 268 15.63 -21.09 -14.08
N LYS A 269 16.71 -21.84 -14.35
CA LYS A 269 17.92 -21.77 -13.54
C LYS A 269 18.62 -20.44 -13.75
N PRO A 270 18.99 -19.70 -12.68
CA PRO A 270 19.82 -18.51 -12.84
C PRO A 270 21.19 -18.91 -13.40
N ALA A 271 21.72 -18.08 -14.31
CA ALA A 271 23.09 -18.23 -14.76
C ALA A 271 23.99 -18.33 -13.55
N ASN A 272 24.90 -19.32 -13.58
CA ASN A 272 26.08 -19.37 -12.71
C ASN A 272 25.71 -19.91 -11.33
N CYS A 273 24.41 -20.18 -11.15
CA CYS A 273 23.87 -21.07 -10.14
C CYS A 273 24.19 -22.51 -10.54
N THR A 274 24.56 -23.35 -9.57
CA THR A 274 24.88 -24.75 -9.86
C THR A 274 23.61 -25.58 -10.02
N ASN A 275 23.75 -26.74 -10.68
CA ASN A 275 22.64 -27.67 -10.90
C ASN A 275 22.00 -28.08 -9.58
N GLU A 276 22.84 -28.29 -8.57
CA GLU A 276 22.45 -28.72 -7.24
C GLU A 276 21.63 -27.64 -6.52
N LEU A 277 22.07 -26.38 -6.60
CA LEU A 277 21.32 -25.32 -5.95
C LEU A 277 19.97 -25.12 -6.66
N TYR A 278 19.94 -25.38 -7.96
CA TYR A 278 18.70 -25.24 -8.72
C TYR A 278 17.71 -26.34 -8.33
N MET A 279 18.18 -27.59 -8.18
CA MET A 279 17.35 -28.68 -7.70
C MET A 279 16.77 -28.33 -6.33
N MET A 280 17.53 -27.60 -5.53
CA MET A 280 17.07 -27.19 -4.21
C MET A 280 15.92 -26.16 -4.34
N MET A 281 16.07 -25.18 -5.23
CA MET A 281 14.98 -24.28 -5.59
C MET A 281 13.75 -25.10 -6.01
N ARG A 282 13.95 -26.02 -6.95
CA ARG A 282 12.85 -26.79 -7.52
C ARG A 282 12.13 -27.60 -6.45
N ASP A 283 12.89 -28.16 -5.50
CA ASP A 283 12.34 -28.92 -4.41
C ASP A 283 11.42 -28.04 -3.56
N CYS A 284 11.85 -26.79 -3.36
CA CYS A 284 11.06 -25.83 -2.59
C CYS A 284 9.72 -25.58 -3.31
N TRP A 285 9.68 -25.77 -4.64
CA TRP A 285 8.50 -25.48 -5.45
C TRP A 285 7.72 -26.74 -5.80
N HIS A 286 7.84 -27.76 -4.95
CA HIS A 286 7.01 -28.94 -5.08
C HIS A 286 5.55 -28.58 -4.81
N ALA A 287 4.63 -29.12 -5.63
CA ALA A 287 3.22 -28.79 -5.53
C ALA A 287 2.67 -29.34 -4.22
N VAL A 288 3.25 -30.46 -3.74
CA VAL A 288 2.79 -31.10 -2.51
C VAL A 288 3.64 -30.57 -1.36
N PRO A 289 3.04 -29.83 -0.39
CA PRO A 289 3.82 -29.19 0.68
C PRO A 289 4.82 -30.10 1.41
N SER A 290 4.37 -31.33 1.73
CA SER A 290 5.13 -32.27 2.54
C SER A 290 6.33 -32.83 1.77
N GLN A 291 6.35 -32.60 0.45
CA GLN A 291 7.44 -33.11 -0.38
C GLN A 291 8.55 -32.06 -0.53
N ARG A 292 8.32 -30.83 -0.03
CA ARG A 292 9.34 -29.78 -0.03
C ARG A 292 10.32 -30.10 1.10
N PRO A 293 11.60 -29.65 1.06
CA PRO A 293 12.48 -29.84 2.21
C PRO A 293 11.95 -29.08 3.42
N THR A 294 12.41 -29.43 4.63
CA THR A 294 12.19 -28.58 5.78
C THR A 294 13.31 -27.54 5.83
N PHE A 295 13.13 -26.50 6.65
CA PHE A 295 14.19 -25.54 6.86
C PHE A 295 15.44 -26.24 7.42
N LYS A 296 15.22 -27.17 8.36
CA LYS A 296 16.31 -27.98 8.90
C LYS A 296 17.09 -28.64 7.76
N GLN A 297 16.40 -29.23 6.76
CA GLN A 297 17.09 -29.87 5.66
C GLN A 297 17.80 -28.85 4.77
N LEU A 298 17.18 -27.69 4.52
CA LEU A 298 17.82 -26.64 3.74
C LEU A 298 19.13 -26.20 4.42
N VAL A 299 19.11 -26.01 5.74
CA VAL A 299 20.29 -25.59 6.50
C VAL A 299 21.44 -26.59 6.31
N GLU A 300 21.15 -27.88 6.51
CA GLU A 300 22.16 -28.93 6.40
C GLU A 300 22.76 -28.98 4.99
N ASP A 301 21.91 -28.93 3.96
CA ASP A 301 22.37 -28.92 2.58
C ASP A 301 23.24 -27.69 2.27
N LEU A 302 22.80 -26.50 2.69
CA LEU A 302 23.52 -25.28 2.38
C LEU A 302 24.85 -25.23 3.14
N ASP A 303 24.84 -25.76 4.37
CA ASP A 303 26.00 -25.84 5.23
C ASP A 303 27.07 -26.65 4.50
N ARG A 304 26.64 -27.76 3.89
CA ARG A 304 27.52 -28.65 3.14
C ARG A 304 28.09 -27.90 1.92
N ILE A 305 27.20 -27.27 1.14
CA ILE A 305 27.62 -26.62 -0.09
C ILE A 305 28.59 -25.49 0.24
N LEU A 306 28.30 -24.72 1.29
CA LEU A 306 29.13 -23.59 1.67
C LEU A 306 30.54 -24.06 2.05
N THR A 307 30.60 -25.11 2.89
CA THR A 307 31.86 -25.62 3.44
C THR A 307 32.70 -26.25 2.34
N LEU A 308 32.07 -27.02 1.44
CA LEU A 308 32.83 -27.74 0.42
C LEU A 308 33.30 -26.80 -0.69
N THR A 309 32.62 -25.64 -0.81
CA THR A 309 33.05 -24.51 -1.62
C THR A 309 34.33 -23.89 -1.08
N THR A 310 34.38 -23.69 0.25
CA THR A 310 35.51 -23.11 0.96
C THR A 310 36.77 -23.92 0.72
N ASN A 311 36.63 -25.26 0.61
CA ASN A 311 37.73 -26.20 0.58
C ASN A 311 38.03 -26.65 -0.87
N LEU B 13 -12.03 -14.04 -15.76
CA LEU B 13 -12.36 -12.61 -16.06
C LEU B 13 -13.26 -12.55 -17.30
N PRO B 14 -14.60 -12.42 -17.11
CA PRO B 14 -15.55 -12.55 -18.23
C PRO B 14 -15.45 -11.33 -19.14
N GLU B 15 -15.15 -11.58 -20.42
CA GLU B 15 -14.91 -10.53 -21.40
C GLU B 15 -16.17 -9.69 -21.60
N ASP B 16 -16.00 -8.37 -21.43
CA ASP B 16 -17.08 -7.41 -21.63
C ASP B 16 -16.78 -6.66 -22.92
N PRO B 17 -17.36 -7.08 -24.08
CA PRO B 17 -17.02 -6.52 -25.39
C PRO B 17 -17.27 -5.02 -25.49
N LYS B 18 -18.26 -4.51 -24.75
CA LYS B 18 -18.54 -3.09 -24.66
C LYS B 18 -17.29 -2.30 -24.24
N TRP B 19 -16.49 -2.85 -23.31
CA TRP B 19 -15.42 -2.06 -22.72
C TRP B 19 -14.04 -2.53 -23.18
N GLU B 20 -14.00 -3.70 -23.82
CA GLU B 20 -12.71 -4.32 -24.11
C GLU B 20 -11.99 -3.53 -25.19
N PHE B 21 -10.71 -3.25 -24.95
CA PHE B 21 -9.88 -2.52 -25.91
C PHE B 21 -8.71 -3.41 -26.32
N PRO B 22 -8.34 -3.47 -27.62
CA PRO B 22 -7.31 -4.40 -28.09
C PRO B 22 -5.96 -3.95 -27.55
N ARG B 23 -5.20 -4.91 -27.02
CA ARG B 23 -3.93 -4.71 -26.35
C ARG B 23 -2.90 -4.13 -27.31
N ASP B 24 -2.94 -4.59 -28.57
CA ASP B 24 -1.96 -4.24 -29.61
C ASP B 24 -2.09 -2.77 -30.00
N LYS B 25 -3.19 -2.11 -29.60
CA LYS B 25 -3.45 -0.74 -29.99
C LYS B 25 -3.06 0.25 -28.90
N LEU B 26 -2.40 -0.24 -27.83
CA LEU B 26 -2.00 0.55 -26.68
C LEU B 26 -0.47 0.56 -26.57
N THR B 27 0.14 1.74 -26.43
CA THR B 27 1.57 1.86 -26.19
C THR B 27 1.82 2.59 -24.86
N LEU B 28 2.33 1.84 -23.86
CA LEU B 28 2.60 2.38 -22.53
C LEU B 28 3.73 3.39 -22.62
N GLY B 29 3.66 4.45 -21.80
CA GLY B 29 4.64 5.53 -21.78
C GLY B 29 5.14 5.85 -20.37
N LYS B 30 5.51 7.11 -20.16
CA LYS B 30 6.11 7.65 -18.95
C LYS B 30 5.26 7.29 -17.73
N PRO B 31 5.85 6.94 -16.56
CA PRO B 31 5.05 6.63 -15.39
C PRO B 31 4.40 7.85 -14.75
N LEU B 32 3.21 7.66 -14.15
CA LEU B 32 2.56 8.78 -13.50
C LEU B 32 2.62 8.67 -11.98
N GLY B 33 2.60 7.45 -11.45
CA GLY B 33 2.66 7.29 -10.00
C GLY B 33 2.55 5.83 -9.57
N GLU B 34 2.98 5.60 -8.32
CA GLU B 34 3.07 4.28 -7.69
C GLU B 34 2.61 4.41 -6.24
N GLY B 35 1.92 3.39 -5.74
CA GLY B 35 1.35 3.36 -4.40
C GLY B 35 0.68 2.01 -4.24
N CYS B 36 -0.29 1.85 -3.34
CA CYS B 36 -1.01 0.59 -3.46
C CYS B 36 -2.41 0.79 -4.02
N PHE B 37 -2.50 1.75 -4.95
CA PHE B 37 -3.45 1.70 -6.06
C PHE B 37 -2.81 0.90 -7.19
N GLY B 38 -1.56 0.45 -6.98
CA GLY B 38 -0.77 -0.25 -7.97
C GLY B 38 0.16 0.73 -8.69
N GLN B 39 0.09 0.74 -10.03
CA GLN B 39 0.86 1.71 -10.78
C GLN B 39 0.04 2.22 -11.96
N VAL B 40 0.28 3.48 -12.30
CA VAL B 40 -0.40 4.15 -13.39
C VAL B 40 0.65 4.73 -14.34
N VAL B 41 0.45 4.49 -15.65
CA VAL B 41 1.32 5.06 -16.67
C VAL B 41 0.48 5.83 -17.69
N MET B 42 1.11 6.83 -18.32
CA MET B 42 0.60 7.42 -19.55
C MET B 42 0.63 6.37 -20.65
N ALA B 43 -0.29 6.49 -21.61
CA ALA B 43 -0.25 5.63 -22.78
C ALA B 43 -0.85 6.34 -23.99
N GLU B 44 -0.60 5.75 -25.16
CA GLU B 44 -1.23 6.15 -26.41
C GLU B 44 -2.16 5.02 -26.82
N ALA B 45 -3.45 5.35 -26.99
CA ALA B 45 -4.47 4.38 -27.34
C ALA B 45 -5.03 4.71 -28.72
N VAL B 46 -4.73 3.84 -29.71
CA VAL B 46 -5.12 4.08 -31.09
C VAL B 46 -6.58 3.66 -31.25
N GLY B 47 -7.43 4.66 -31.51
CA GLY B 47 -8.83 4.40 -31.88
C GLY B 47 -9.73 4.11 -30.68
N ILE B 48 -9.37 4.60 -29.48
CA ILE B 48 -10.20 4.39 -28.31
C ILE B 48 -11.42 5.31 -28.41
N ASP B 49 -11.25 6.43 -29.11
CA ASP B 49 -12.36 7.23 -29.61
C ASP B 49 -12.89 6.56 -30.88
N LYS B 50 -14.04 5.87 -30.75
CA LYS B 50 -14.50 5.00 -31.82
C LYS B 50 -14.94 5.83 -33.03
N ASP B 51 -15.23 7.13 -32.82
CA ASP B 51 -15.58 8.00 -33.94
C ASP B 51 -14.33 8.39 -34.72
N LYS B 52 -13.15 8.13 -34.14
CA LYS B 52 -11.89 8.46 -34.77
C LYS B 52 -10.97 7.24 -34.71
N PRO B 53 -11.22 6.19 -35.52
CA PRO B 53 -10.61 4.88 -35.31
C PRO B 53 -9.10 4.85 -35.57
N LYS B 54 -8.58 5.92 -36.19
CA LYS B 54 -7.20 5.90 -36.64
C LYS B 54 -6.35 6.89 -35.84
N GLU B 55 -6.94 7.58 -34.85
CA GLU B 55 -6.13 8.54 -34.11
C GLU B 55 -5.83 8.05 -32.69
N ALA B 56 -4.59 8.35 -32.26
CA ALA B 56 -4.01 7.96 -30.98
C ALA B 56 -4.42 8.98 -29.92
N VAL B 57 -5.06 8.49 -28.84
CA VAL B 57 -5.43 9.37 -27.75
C VAL B 57 -4.48 9.13 -26.58
N THR B 58 -4.04 10.22 -25.93
CA THR B 58 -3.29 10.11 -24.69
C THR B 58 -4.23 9.68 -23.56
N VAL B 59 -3.89 8.58 -22.89
CA VAL B 59 -4.70 8.03 -21.81
C VAL B 59 -3.82 7.76 -20.59
N ALA B 60 -4.47 7.39 -19.47
CA ALA B 60 -3.79 6.83 -18.32
C ALA B 60 -4.23 5.39 -18.13
N VAL B 61 -3.27 4.53 -17.74
CA VAL B 61 -3.51 3.10 -17.60
C VAL B 61 -3.12 2.67 -16.19
N LYS B 62 -4.10 2.08 -15.50
CA LYS B 62 -3.91 1.59 -14.14
C LYS B 62 -3.76 0.07 -14.21
N MET B 63 -2.73 -0.44 -13.51
CA MET B 63 -2.39 -1.87 -13.52
C MET B 63 -1.74 -2.23 -12.19
N LEU B 64 -1.62 -3.54 -11.92
CA LEU B 64 -0.98 -4.08 -10.73
C LEU B 64 0.54 -3.92 -10.81
N LYS B 65 1.20 -3.89 -9.65
CA LYS B 65 2.65 -3.99 -9.58
C LYS B 65 3.07 -5.45 -9.44
N ASP B 66 4.39 -5.70 -9.52
CA ASP B 66 4.94 -7.05 -9.52
C ASP B 66 4.64 -7.79 -8.21
N ASP B 67 4.55 -7.06 -7.09
CA ASP B 67 4.31 -7.65 -5.78
C ASP B 67 2.82 -7.75 -5.41
N ALA B 68 1.93 -7.60 -6.40
CA ALA B 68 0.51 -7.48 -6.09
C ALA B 68 -0.01 -8.73 -5.39
N THR B 69 -1.09 -8.54 -4.60
CA THR B 69 -1.73 -9.59 -3.84
C THR B 69 -3.06 -9.96 -4.50
N GLU B 70 -3.73 -10.99 -3.98
CA GLU B 70 -5.05 -11.37 -4.48
C GLU B 70 -6.04 -10.22 -4.31
N LYS B 71 -6.03 -9.59 -3.13
CA LYS B 71 -6.88 -8.45 -2.82
C LYS B 71 -6.64 -7.30 -3.81
N ASP B 72 -5.35 -7.06 -4.13
CA ASP B 72 -5.00 -5.96 -5.04
C ASP B 72 -5.72 -6.14 -6.38
N LEU B 73 -5.73 -7.37 -6.87
CA LEU B 73 -6.35 -7.68 -8.16
C LEU B 73 -7.86 -7.48 -8.03
N SER B 74 -8.45 -7.94 -6.93
CA SER B 74 -9.89 -7.84 -6.80
C SER B 74 -10.33 -6.39 -6.55
N ASP B 75 -9.45 -5.57 -5.96
CA ASP B 75 -9.69 -4.14 -5.82
C ASP B 75 -9.69 -3.44 -7.18
N LEU B 76 -8.75 -3.83 -8.06
CA LEU B 76 -8.66 -3.18 -9.36
C LEU B 76 -9.88 -3.56 -10.21
N VAL B 77 -10.33 -4.83 -10.11
CA VAL B 77 -11.52 -5.27 -10.83
C VAL B 77 -12.72 -4.46 -10.34
N SER B 78 -12.84 -4.32 -9.02
CA SER B 78 -13.97 -3.64 -8.41
C SER B 78 -13.97 -2.17 -8.84
N GLU B 79 -12.78 -1.56 -8.91
CA GLU B 79 -12.64 -0.20 -9.35
C GLU B 79 -13.23 -0.03 -10.76
N MET B 80 -12.76 -0.88 -11.69
CA MET B 80 -13.22 -0.94 -13.07
C MET B 80 -14.75 -1.11 -13.09
N GLU B 81 -15.26 -2.04 -12.28
CA GLU B 81 -16.69 -2.34 -12.29
C GLU B 81 -17.50 -1.15 -11.79
N MET B 82 -17.02 -0.44 -10.75
CA MET B 82 -17.78 0.70 -10.26
C MET B 82 -17.87 1.75 -11.37
N MET B 83 -16.76 1.97 -12.07
CA MET B 83 -16.69 3.05 -13.05
C MET B 83 -17.63 2.77 -14.22
N LYS B 84 -17.93 1.50 -14.49
CA LYS B 84 -18.86 1.12 -15.55
C LYS B 84 -20.30 1.41 -15.13
N MET B 85 -20.57 1.33 -13.82
CA MET B 85 -21.94 1.38 -13.36
C MET B 85 -22.37 2.82 -13.08
N ILE B 86 -21.42 3.76 -13.01
CA ILE B 86 -21.73 5.08 -12.52
C ILE B 86 -22.23 6.01 -13.64
N GLY B 87 -21.87 5.73 -14.90
CA GLY B 87 -22.24 6.61 -16.00
C GLY B 87 -21.32 7.82 -16.06
N LYS B 88 -21.56 8.71 -17.04
CA LYS B 88 -20.63 9.78 -17.37
C LYS B 88 -21.10 11.10 -16.73
N HIS B 89 -20.13 11.86 -16.21
CA HIS B 89 -20.39 13.21 -15.71
C HIS B 89 -19.12 14.04 -15.88
N LYS B 90 -19.28 15.35 -16.03
CA LYS B 90 -18.17 16.22 -16.39
C LYS B 90 -17.16 16.34 -15.25
N ASN B 91 -17.59 16.09 -14.01
CA ASN B 91 -16.66 16.21 -12.89
C ASN B 91 -16.27 14.83 -12.34
N ILE B 92 -16.34 13.79 -13.18
CA ILE B 92 -15.89 12.45 -12.82
C ILE B 92 -14.99 11.95 -13.95
N ILE B 93 -13.81 11.44 -13.60
CA ILE B 93 -12.90 10.87 -14.58
C ILE B 93 -13.63 9.70 -15.26
N ASN B 94 -13.60 9.63 -16.60
CA ASN B 94 -14.32 8.52 -17.22
C ASN B 94 -13.39 7.38 -17.63
N LEU B 95 -13.94 6.16 -17.49
CA LEU B 95 -13.35 4.94 -17.98
C LEU B 95 -13.42 4.93 -19.50
N LEU B 96 -12.30 4.65 -20.17
CA LEU B 96 -12.29 4.57 -21.62
C LEU B 96 -12.30 3.11 -22.09
N GLY B 97 -11.70 2.20 -21.31
CA GLY B 97 -11.80 0.78 -21.60
C GLY B 97 -10.84 -0.06 -20.75
N ALA B 98 -10.72 -1.35 -21.11
CA ALA B 98 -9.89 -2.27 -20.35
C ALA B 98 -9.35 -3.38 -21.26
N CYS B 99 -8.09 -3.77 -20.99
CA CYS B 99 -7.55 -5.02 -21.53
C CYS B 99 -7.64 -6.08 -20.44
N THR B 100 -8.56 -7.04 -20.61
CA THR B 100 -8.82 -8.03 -19.58
C THR B 100 -8.40 -9.43 -20.03
N GLN B 101 -8.06 -9.57 -21.32
CA GLN B 101 -7.86 -10.90 -21.90
C GLN B 101 -6.38 -11.14 -22.20
N ASP B 102 -5.91 -12.34 -21.81
CA ASP B 102 -4.61 -12.90 -22.13
C ASP B 102 -3.48 -11.90 -21.84
N GLY B 103 -3.38 -11.45 -20.59
CA GLY B 103 -2.37 -10.49 -20.17
C GLY B 103 -2.74 -9.83 -18.85
N PRO B 104 -1.93 -8.87 -18.36
CA PRO B 104 -2.23 -8.19 -17.10
C PRO B 104 -3.41 -7.23 -17.27
N LEU B 105 -4.31 -7.18 -16.27
CA LEU B 105 -5.42 -6.24 -16.27
C LEU B 105 -4.91 -4.81 -16.39
N PTR B 106 -5.38 -4.13 -17.45
CA PTR B 106 -5.16 -2.70 -17.65
C PTR B 106 -6.51 -1.99 -17.58
O PTR B 106 -7.45 -2.36 -18.29
CB PTR B 106 -4.65 -2.47 -19.06
CG PTR B 106 -3.24 -2.92 -19.27
CD1 PTR B 106 -2.77 -2.99 -20.57
CD2 PTR B 106 -2.41 -3.25 -18.22
CE1 PTR B 106 -1.49 -3.39 -20.85
CE2 PTR B 106 -1.11 -3.65 -18.50
CZ PTR B 106 -0.65 -3.73 -19.81
OH PTR B 106 0.68 -4.12 -20.02
P PTR B 106 1.31 -5.08 -21.20
O1P PTR B 106 0.21 -6.03 -21.61
O2P PTR B 106 2.49 -5.62 -20.44
O3P PTR B 106 1.75 -4.11 -22.27
N VAL B 107 -6.62 -0.98 -16.71
CA VAL B 107 -7.81 -0.15 -16.69
C VAL B 107 -7.44 1.20 -17.31
N ILE B 108 -8.11 1.55 -18.41
CA ILE B 108 -7.78 2.73 -19.21
C ILE B 108 -8.76 3.86 -18.89
N VAL B 109 -8.24 4.98 -18.37
CA VAL B 109 -9.07 6.10 -17.96
C VAL B 109 -8.56 7.33 -18.68
N GLU B 110 -9.39 8.38 -18.68
CA GLU B 110 -9.06 9.60 -19.38
C GLU B 110 -7.86 10.26 -18.72
N TYR B 111 -6.96 10.79 -19.54
CA TYR B 111 -5.77 11.46 -19.06
C TYR B 111 -6.09 12.87 -18.60
N ALA B 112 -5.58 13.22 -17.40
CA ALA B 112 -5.68 14.56 -16.85
C ALA B 112 -4.27 15.13 -16.76
N SER B 113 -4.01 16.18 -17.53
CA SER B 113 -2.66 16.66 -17.78
C SER B 113 -2.05 17.42 -16.59
N LYS B 114 -2.86 17.77 -15.59
CA LYS B 114 -2.36 18.68 -14.57
C LYS B 114 -2.24 18.03 -13.19
N GLY B 115 -2.35 16.70 -13.12
CA GLY B 115 -2.06 15.94 -11.92
C GLY B 115 -3.21 15.96 -10.90
N ASN B 116 -2.89 15.62 -9.64
CA ASN B 116 -3.90 15.60 -8.59
C ASN B 116 -4.08 17.01 -8.02
N LEU B 117 -5.22 17.23 -7.36
CA LEU B 117 -5.61 18.56 -6.90
C LEU B 117 -4.66 19.08 -5.83
N ARG B 118 -4.23 18.22 -4.90
CA ARG B 118 -3.31 18.67 -3.87
C ARG B 118 -2.05 19.29 -4.50
N GLU B 119 -1.45 18.60 -5.48
CA GLU B 119 -0.23 19.08 -6.15
C GLU B 119 -0.54 20.33 -6.99
N TYR B 120 -1.71 20.33 -7.64
CA TYR B 120 -2.14 21.46 -8.45
C TYR B 120 -2.17 22.72 -7.57
N LEU B 121 -2.81 22.62 -6.40
CA LEU B 121 -2.97 23.77 -5.53
C LEU B 121 -1.63 24.18 -4.92
N ARG B 122 -0.85 23.21 -4.42
CA ARG B 122 0.42 23.52 -3.79
C ARG B 122 1.32 24.29 -4.76
N ALA B 123 1.24 23.93 -6.05
CA ALA B 123 2.07 24.52 -7.10
C ALA B 123 1.64 25.96 -7.41
N ARG B 124 0.41 26.37 -7.05
CA ARG B 124 0.09 27.76 -7.32
C ARG B 124 -0.27 28.55 -6.05
N ARG B 125 0.53 28.32 -5.00
CA ARG B 125 0.51 29.08 -3.76
C ARG B 125 1.30 30.36 -3.96
N PRO B 126 0.87 31.53 -3.41
CA PRO B 126 1.71 32.72 -3.37
C PRO B 126 3.15 32.48 -2.88
N PRO B 127 4.19 33.11 -3.49
CA PRO B 127 5.57 32.95 -3.01
C PRO B 127 5.84 33.77 -1.74
N GLU B 140 3.87 31.39 -10.83
CA GLU B 140 2.89 30.57 -11.60
C GLU B 140 1.69 31.44 -11.97
N GLU B 141 0.49 30.84 -11.91
CA GLU B 141 -0.74 31.57 -12.11
C GLU B 141 -1.69 31.25 -10.96
N GLN B 142 -1.63 32.11 -9.93
CA GLN B 142 -2.15 31.85 -8.60
C GLN B 142 -3.67 31.65 -8.60
N MET B 143 -4.14 30.96 -7.56
CA MET B 143 -5.55 30.71 -7.35
C MET B 143 -6.18 31.99 -6.78
N THR B 144 -7.24 32.46 -7.42
CA THR B 144 -8.06 33.51 -6.85
C THR B 144 -9.13 32.88 -5.96
N PHE B 145 -9.74 33.68 -5.09
CA PHE B 145 -10.83 33.21 -4.26
C PHE B 145 -11.91 32.54 -5.11
N LYS B 146 -12.22 33.13 -6.27
CA LYS B 146 -13.24 32.59 -7.16
C LYS B 146 -12.85 31.19 -7.65
N ASP B 147 -11.57 30.98 -8.01
CA ASP B 147 -11.07 29.71 -8.51
C ASP B 147 -11.39 28.60 -7.51
N LEU B 148 -11.12 28.88 -6.22
CA LEU B 148 -11.25 27.92 -5.13
C LEU B 148 -12.72 27.55 -4.97
N VAL B 149 -13.60 28.55 -5.04
CA VAL B 149 -15.03 28.32 -4.88
C VAL B 149 -15.48 27.45 -6.05
N SER B 150 -14.97 27.79 -7.25
CA SER B 150 -15.31 27.07 -8.47
C SER B 150 -14.91 25.60 -8.36
N CYS B 151 -13.70 25.34 -7.85
CA CYS B 151 -13.23 23.97 -7.65
C CYS B 151 -14.20 23.22 -6.76
N THR B 152 -14.56 23.86 -5.64
CA THR B 152 -15.43 23.27 -4.65
C THR B 152 -16.78 22.96 -5.29
N TYR B 153 -17.28 23.91 -6.08
CA TYR B 153 -18.57 23.75 -6.72
C TYR B 153 -18.56 22.56 -7.71
N GLN B 154 -17.51 22.46 -8.53
CA GLN B 154 -17.43 21.38 -9.50
C GLN B 154 -17.41 20.03 -8.76
N LEU B 155 -16.72 20.00 -7.62
CA LEU B 155 -16.64 18.77 -6.85
C LEU B 155 -17.98 18.43 -6.20
N ALA B 156 -18.69 19.44 -5.68
CA ALA B 156 -20.01 19.17 -5.15
C ALA B 156 -20.88 18.54 -6.24
N ARG B 157 -20.80 19.10 -7.45
CA ARG B 157 -21.65 18.66 -8.55
C ARG B 157 -21.42 17.18 -8.86
N GLY B 158 -20.15 16.79 -9.01
CA GLY B 158 -19.77 15.40 -9.27
C GLY B 158 -20.31 14.47 -8.19
N MET B 159 -20.19 14.89 -6.94
CA MET B 159 -20.57 14.07 -5.79
C MET B 159 -22.08 13.95 -5.71
N GLU B 160 -22.79 15.03 -6.10
CA GLU B 160 -24.23 15.04 -6.25
C GLU B 160 -24.63 13.96 -7.25
N TYR B 161 -24.00 13.99 -8.43
CA TYR B 161 -24.24 12.98 -9.43
C TYR B 161 -23.99 11.57 -8.86
N LEU B 162 -22.84 11.38 -8.20
CA LEU B 162 -22.43 10.07 -7.68
C LEU B 162 -23.45 9.57 -6.66
N ALA B 163 -23.91 10.46 -5.78
CA ALA B 163 -24.89 10.04 -4.79
C ALA B 163 -26.16 9.57 -5.48
N SER B 164 -26.52 10.24 -6.60
CA SER B 164 -27.79 9.97 -7.26
C SER B 164 -27.74 8.61 -7.97
N GLN B 165 -26.53 8.11 -8.25
CA GLN B 165 -26.35 6.80 -8.85
C GLN B 165 -26.16 5.74 -7.76
N LYS B 166 -26.36 6.10 -6.49
CA LYS B 166 -26.31 5.15 -5.37
C LYS B 166 -24.87 4.67 -5.14
N CYS B 167 -23.90 5.52 -5.48
CA CYS B 167 -22.50 5.16 -5.26
C CYS B 167 -21.95 5.95 -4.07
N ILE B 168 -21.36 5.25 -3.12
CA ILE B 168 -20.56 5.88 -2.08
C ILE B 168 -19.09 5.73 -2.46
N HIS B 169 -18.37 6.87 -2.51
CA HIS B 169 -16.98 6.93 -2.93
C HIS B 169 -16.01 6.38 -1.89
N ARG B 170 -16.16 6.85 -0.63
CA ARG B 170 -15.45 6.38 0.55
C ARG B 170 -13.99 6.84 0.64
N ASP B 171 -13.47 7.53 -0.38
CA ASP B 171 -12.06 7.87 -0.34
C ASP B 171 -11.83 9.26 -0.93
N LEU B 172 -12.71 10.21 -0.59
CA LEU B 172 -12.62 11.58 -1.07
C LEU B 172 -11.49 12.33 -0.37
N ALA B 173 -10.66 13.04 -1.15
CA ALA B 173 -9.44 13.68 -0.68
C ALA B 173 -8.80 14.43 -1.85
N ALA B 174 -8.08 15.53 -1.57
CA ALA B 174 -7.51 16.32 -2.64
C ALA B 174 -6.59 15.47 -3.53
N ARG B 175 -5.93 14.45 -2.96
CA ARG B 175 -5.01 13.62 -3.74
C ARG B 175 -5.79 12.71 -4.70
N ASN B 176 -7.11 12.58 -4.50
CA ASN B 176 -7.91 11.69 -5.34
C ASN B 176 -8.75 12.45 -6.35
N VAL B 177 -8.49 13.75 -6.49
CA VAL B 177 -9.09 14.54 -7.54
C VAL B 177 -8.02 14.85 -8.58
N LEU B 178 -8.42 14.80 -9.86
CA LEU B 178 -7.54 15.14 -10.97
C LEU B 178 -8.01 16.44 -11.61
N VAL B 179 -7.07 17.20 -12.17
CA VAL B 179 -7.41 18.40 -12.92
C VAL B 179 -6.87 18.34 -14.35
N THR B 180 -7.76 18.63 -15.31
CA THR B 180 -7.47 18.48 -16.73
C THR B 180 -6.75 19.73 -17.25
N GLU B 181 -6.40 19.70 -18.53
CA GLU B 181 -5.71 20.79 -19.18
C GLU B 181 -6.49 22.10 -18.97
N ASN B 182 -7.83 22.02 -19.09
CA ASN B 182 -8.70 23.18 -18.99
C ASN B 182 -9.22 23.38 -17.56
N ASN B 183 -8.57 22.76 -16.58
CA ASN B 183 -8.80 23.07 -15.17
C ASN B 183 -10.15 22.54 -14.69
N VAL B 184 -10.64 21.49 -15.33
CA VAL B 184 -11.87 20.85 -14.87
C VAL B 184 -11.50 19.89 -13.74
N MET B 185 -12.31 19.92 -12.67
CA MET B 185 -12.15 18.99 -11.56
C MET B 185 -12.76 17.64 -11.94
N LYS B 186 -12.00 16.57 -11.68
CA LYS B 186 -12.43 15.20 -11.92
C LYS B 186 -12.21 14.34 -10.66
N ILE B 187 -13.32 13.91 -10.05
CA ILE B 187 -13.28 12.91 -8.99
C ILE B 187 -12.70 11.62 -9.57
N ALA B 188 -11.75 11.01 -8.84
CA ALA B 188 -11.05 9.83 -9.32
C ALA B 188 -10.79 8.85 -8.19
N ASP B 189 -9.93 7.84 -8.44
CA ASP B 189 -9.65 6.72 -7.56
C ASP B 189 -10.90 6.06 -6.97
N PHE B 190 -11.58 5.22 -7.77
CA PHE B 190 -12.77 4.48 -7.34
C PHE B 190 -12.40 3.17 -6.66
N GLY B 191 -11.15 3.04 -6.19
CA GLY B 191 -10.64 1.81 -5.61
C GLY B 191 -11.35 1.36 -4.33
N LEU B 192 -12.02 2.28 -3.60
CA LEU B 192 -12.73 1.87 -2.39
C LEU B 192 -14.25 2.09 -2.51
N ALA B 193 -14.72 2.58 -3.66
CA ALA B 193 -16.11 2.93 -3.87
C ALA B 193 -17.05 1.71 -3.91
N ARG B 194 -18.28 1.90 -3.43
CA ARG B 194 -19.25 0.82 -3.31
C ARG B 194 -20.63 1.32 -3.73
N ASP B 195 -21.47 0.41 -4.23
CA ASP B 195 -22.91 0.57 -4.19
C ASP B 195 -23.37 0.72 -2.74
N ILE B 196 -24.35 1.60 -2.50
CA ILE B 196 -24.83 1.91 -1.16
C ILE B 196 -25.30 0.65 -0.43
N ASN B 197 -25.87 -0.32 -1.15
CA ASN B 197 -26.40 -1.53 -0.52
C ASN B 197 -25.28 -2.55 -0.24
N ASN B 198 -24.10 -2.35 -0.82
CA ASN B 198 -23.00 -3.30 -0.70
C ASN B 198 -22.03 -2.92 0.42
N ILE B 199 -22.54 -2.86 1.65
CA ILE B 199 -21.74 -2.60 2.85
C ILE B 199 -22.12 -3.67 3.87
N ASP B 200 -21.11 -4.30 4.49
CA ASP B 200 -21.34 -5.32 5.50
C ASP B 200 -21.56 -4.64 6.87
N TYR B 201 -22.79 -4.19 7.11
CA TYR B 201 -23.13 -3.36 8.25
C TYR B 201 -22.77 -4.04 9.57
N TYR B 202 -22.08 -3.29 10.45
CA TYR B 202 -21.88 -3.61 11.85
C TYR B 202 -20.79 -4.67 12.03
N LYS B 203 -20.10 -5.02 10.94
CA LYS B 203 -18.99 -5.97 10.99
C LYS B 203 -17.71 -5.22 11.39
N LYS B 204 -16.86 -5.88 12.20
CA LYS B 204 -15.69 -5.25 12.78
C LYS B 204 -14.69 -4.83 11.69
N THR B 205 -14.78 -5.48 10.52
CA THR B 205 -13.82 -5.25 9.45
C THR B 205 -14.26 -4.11 8.53
N THR B 206 -15.51 -3.65 8.68
CA THR B 206 -16.05 -2.64 7.78
C THR B 206 -15.35 -1.29 7.99
N ASN B 207 -14.95 -0.68 6.87
CA ASN B 207 -14.34 0.64 6.79
C ASN B 207 -12.89 0.66 7.29
N GLY B 208 -12.29 -0.52 7.44
CA GLY B 208 -10.95 -0.64 8.01
C GLY B 208 -9.85 -0.09 7.11
N ARG B 209 -10.17 0.21 5.84
CA ARG B 209 -9.13 0.64 4.90
C ARG B 209 -9.37 2.08 4.43
N LEU B 210 -10.22 2.83 5.14
CA LEU B 210 -10.45 4.23 4.77
C LEU B 210 -9.46 5.09 5.57
N PRO B 211 -8.73 6.05 4.93
CA PRO B 211 -7.81 6.95 5.65
C PRO B 211 -8.51 7.70 6.78
N VAL B 212 -8.02 7.55 8.01
CA VAL B 212 -8.82 7.97 9.16
C VAL B 212 -9.05 9.48 9.17
N LYS B 213 -8.16 10.27 8.56
CA LYS B 213 -8.25 11.72 8.74
C LYS B 213 -9.27 12.34 7.80
N TRP B 214 -9.83 11.53 6.89
CA TRP B 214 -10.85 11.99 5.96
C TRP B 214 -12.20 11.33 6.24
N MET B 215 -12.25 10.51 7.30
CA MET B 215 -13.32 9.54 7.50
C MET B 215 -14.33 10.06 8.53
N ALA B 216 -15.62 9.95 8.17
CA ALA B 216 -16.71 10.25 9.08
C ALA B 216 -16.63 9.34 10.31
N PRO B 217 -16.84 9.88 11.53
CA PRO B 217 -16.78 9.11 12.76
C PRO B 217 -17.64 7.85 12.81
N GLU B 218 -18.85 7.89 12.24
CA GLU B 218 -19.73 6.74 12.28
C GLU B 218 -19.15 5.57 11.48
N ALA B 219 -18.28 5.85 10.50
CA ALA B 219 -17.69 4.79 9.70
C ALA B 219 -16.85 3.85 10.57
N LEU B 220 -16.23 4.38 11.63
CA LEU B 220 -15.53 3.53 12.58
C LEU B 220 -16.41 3.15 13.77
N PHE B 221 -17.10 4.12 14.37
CA PHE B 221 -17.81 3.88 15.61
C PHE B 221 -18.93 2.87 15.42
N ASP B 222 -19.65 2.95 14.29
CA ASP B 222 -20.86 2.16 14.11
C ASP B 222 -20.75 1.24 12.90
N ARG B 223 -19.64 1.35 12.16
CA ARG B 223 -19.36 0.42 11.07
C ARG B 223 -20.43 0.50 9.98
N VAL B 224 -20.86 1.73 9.64
CA VAL B 224 -21.77 1.96 8.53
C VAL B 224 -21.11 2.96 7.58
N TYR B 225 -21.68 3.13 6.38
CA TYR B 225 -21.25 4.18 5.47
C TYR B 225 -22.42 4.59 4.59
N THR B 226 -22.79 5.89 4.64
CA THR B 226 -23.86 6.39 3.80
C THR B 226 -23.35 7.57 2.98
N HIS B 227 -24.26 8.16 2.19
CA HIS B 227 -23.95 9.39 1.47
C HIS B 227 -23.52 10.49 2.44
N GLN B 228 -24.10 10.51 3.64
CA GLN B 228 -23.78 11.54 4.63
C GLN B 228 -22.34 11.38 5.14
N SER B 229 -21.80 10.15 5.06
CA SER B 229 -20.40 9.90 5.34
C SER B 229 -19.50 10.55 4.28
N ASP B 230 -19.87 10.43 3.00
CA ASP B 230 -19.12 11.14 1.96
C ASP B 230 -19.17 12.65 2.16
N VAL B 231 -20.28 13.21 2.68
CA VAL B 231 -20.27 14.67 2.80
C VAL B 231 -19.32 15.15 3.89
N TRP B 232 -19.12 14.34 4.94
CA TRP B 232 -18.05 14.60 5.90
C TRP B 232 -16.69 14.69 5.21
N SER B 233 -16.33 13.66 4.41
CA SER B 233 -15.07 13.68 3.69
C SER B 233 -15.00 14.95 2.84
N PHE B 234 -16.16 15.33 2.28
CA PHE B 234 -16.24 16.49 1.41
C PHE B 234 -15.82 17.74 2.18
N GLY B 235 -16.15 17.79 3.46
CA GLY B 235 -15.72 18.93 4.27
C GLY B 235 -14.20 19.01 4.34
N VAL B 236 -13.56 17.85 4.57
CA VAL B 236 -12.11 17.80 4.68
C VAL B 236 -11.51 18.27 3.37
N LEU B 237 -12.07 17.78 2.26
CA LEU B 237 -11.65 18.17 0.93
C LEU B 237 -11.78 19.69 0.75
N MET B 238 -12.86 20.28 1.26
CA MET B 238 -13.03 21.72 1.23
C MET B 238 -11.90 22.43 1.98
N TRP B 239 -11.54 21.92 3.15
CA TRP B 239 -10.49 22.50 3.95
C TRP B 239 -9.18 22.44 3.18
N GLU B 240 -8.95 21.33 2.46
CA GLU B 240 -7.71 21.14 1.73
C GLU B 240 -7.65 22.18 0.62
N ILE B 241 -8.79 22.41 -0.03
CA ILE B 241 -8.85 23.36 -1.13
C ILE B 241 -8.50 24.76 -0.63
N PHE B 242 -9.11 25.19 0.49
CA PHE B 242 -9.02 26.59 0.87
C PHE B 242 -7.69 26.93 1.53
N THR B 243 -6.96 25.90 2.00
CA THR B 243 -5.58 26.01 2.44
C THR B 243 -4.62 25.66 1.28
N LEU B 244 -5.13 25.60 0.04
CA LEU B 244 -4.31 25.33 -1.14
C LEU B 244 -3.48 24.05 -0.96
N GLY B 245 -4.13 22.99 -0.48
CA GLY B 245 -3.48 21.69 -0.42
C GLY B 245 -2.78 21.45 0.93
N GLY B 246 -3.32 22.02 2.00
CA GLY B 246 -2.77 21.81 3.34
C GLY B 246 -3.02 20.38 3.81
N SER B 247 -2.33 19.98 4.88
CA SER B 247 -2.45 18.66 5.49
C SER B 247 -3.45 18.73 6.64
N PRO B 248 -4.53 17.91 6.60
CA PRO B 248 -5.58 17.94 7.64
C PRO B 248 -5.06 17.64 9.03
N TYR B 249 -5.69 18.28 10.03
CA TYR B 249 -5.37 18.06 11.43
C TYR B 249 -3.85 18.16 11.64
N PRO B 250 -3.22 19.31 11.29
CA PRO B 250 -1.76 19.43 11.30
C PRO B 250 -1.24 19.11 12.70
N GLY B 251 -0.34 18.12 12.76
CA GLY B 251 0.39 17.80 13.98
C GLY B 251 -0.37 16.90 14.96
N ILE B 252 -1.52 16.38 14.56
CA ILE B 252 -2.27 15.40 15.36
C ILE B 252 -2.07 14.05 14.69
N PRO B 253 -1.47 13.05 15.37
CA PRO B 253 -1.34 11.71 14.77
C PRO B 253 -2.72 11.08 14.64
N VAL B 254 -2.85 10.12 13.71
CA VAL B 254 -4.12 9.47 13.45
C VAL B 254 -4.58 8.73 14.71
N GLU B 255 -3.61 8.33 15.54
CA GLU B 255 -3.85 7.57 16.75
C GLU B 255 -4.68 8.36 17.75
N GLU B 256 -4.61 9.70 17.72
CA GLU B 256 -5.41 10.42 18.70
C GLU B 256 -6.61 11.12 18.06
N LEU B 257 -6.79 10.98 16.74
CA LEU B 257 -7.78 11.81 16.09
C LEU B 257 -9.19 11.52 16.62
N PHE B 258 -9.55 10.24 16.77
CA PHE B 258 -10.93 9.88 17.01
C PHE B 258 -11.39 10.30 18.40
N LYS B 259 -10.47 10.25 19.38
CA LYS B 259 -10.78 10.75 20.71
C LYS B 259 -11.10 12.24 20.63
N LEU B 260 -10.30 12.99 19.87
CA LEU B 260 -10.51 14.43 19.74
C LEU B 260 -11.84 14.73 19.05
N LEU B 261 -12.14 13.99 17.98
CA LEU B 261 -13.38 14.21 17.25
C LEU B 261 -14.59 13.97 18.18
N LYS B 262 -14.52 12.88 18.95
CA LYS B 262 -15.56 12.50 19.91
C LYS B 262 -15.81 13.63 20.90
N GLU B 263 -14.77 14.43 21.17
CA GLU B 263 -14.85 15.47 22.18
C GLU B 263 -15.19 16.81 21.55
N GLY B 264 -15.32 16.86 20.22
CA GLY B 264 -15.80 18.06 19.56
C GLY B 264 -14.72 18.87 18.82
N HIS B 265 -13.46 18.41 18.84
CA HIS B 265 -12.43 19.02 18.04
C HIS B 265 -12.82 19.06 16.56
N ARG B 266 -12.58 20.21 15.93
CA ARG B 266 -12.73 20.40 14.50
C ARG B 266 -11.66 21.39 14.05
N MET B 267 -11.26 21.30 12.77
CA MET B 267 -10.21 22.16 12.24
C MET B 267 -10.71 23.61 12.23
N ASP B 268 -9.77 24.55 12.40
CA ASP B 268 -10.08 25.97 12.38
C ASP B 268 -10.23 26.47 10.94
N LYS B 269 -10.81 27.68 10.83
CA LYS B 269 -11.07 28.37 9.58
C LYS B 269 -9.76 28.62 8.86
N PRO B 270 -9.61 28.15 7.60
CA PRO B 270 -8.53 28.60 6.71
C PRO B 270 -8.65 30.10 6.45
N ALA B 271 -7.50 30.78 6.38
CA ALA B 271 -7.46 32.22 6.16
C ALA B 271 -8.15 32.59 4.83
N ASN B 272 -8.11 31.70 3.84
CA ASN B 272 -8.48 32.10 2.49
C ASN B 272 -9.96 31.94 2.21
N CYS B 273 -10.74 31.39 3.14
CA CYS B 273 -12.17 31.32 2.86
C CYS B 273 -12.95 32.29 3.74
N THR B 274 -14.22 32.48 3.38
CA THR B 274 -15.11 33.37 4.12
C THR B 274 -15.64 32.63 5.34
N ASN B 275 -16.20 33.37 6.30
CA ASN B 275 -16.93 32.78 7.42
C ASN B 275 -17.99 31.81 6.92
N GLU B 276 -18.72 32.23 5.87
CA GLU B 276 -19.80 31.46 5.28
C GLU B 276 -19.29 30.10 4.80
N LEU B 277 -18.17 30.08 4.07
CA LEU B 277 -17.70 28.83 3.50
C LEU B 277 -17.17 27.94 4.63
N TYR B 278 -16.66 28.57 5.70
CA TYR B 278 -16.21 27.78 6.83
C TYR B 278 -17.39 27.16 7.58
N MET B 279 -18.49 27.90 7.65
CA MET B 279 -19.69 27.38 8.29
C MET B 279 -20.21 26.16 7.52
N MET B 280 -20.06 26.22 6.20
CA MET B 280 -20.39 25.09 5.34
C MET B 280 -19.52 23.87 5.66
N MET B 281 -18.22 24.08 5.88
CA MET B 281 -17.32 23.02 6.31
C MET B 281 -17.82 22.42 7.61
N ARG B 282 -18.05 23.28 8.61
CA ARG B 282 -18.51 22.85 9.93
C ARG B 282 -19.81 22.06 9.80
N ASP B 283 -20.69 22.46 8.87
CA ASP B 283 -21.92 21.72 8.60
C ASP B 283 -21.61 20.30 8.15
N CYS B 284 -20.64 20.11 7.24
CA CYS B 284 -20.24 18.79 6.78
C CYS B 284 -19.66 17.96 7.94
N TRP B 285 -19.13 18.63 8.95
CA TRP B 285 -18.56 17.92 10.09
C TRP B 285 -19.49 17.89 11.30
N HIS B 286 -20.81 18.01 11.08
CA HIS B 286 -21.73 17.71 12.18
C HIS B 286 -21.55 16.25 12.58
N ALA B 287 -21.47 16.02 13.88
CA ALA B 287 -21.37 14.67 14.44
C ALA B 287 -22.54 13.81 13.95
N VAL B 288 -23.74 14.39 13.95
CA VAL B 288 -24.94 13.67 13.56
C VAL B 288 -25.07 13.67 12.03
N PRO B 289 -24.98 12.48 11.37
CA PRO B 289 -24.97 12.39 9.90
C PRO B 289 -26.16 13.05 9.21
N SER B 290 -27.37 12.87 9.76
CA SER B 290 -28.55 13.47 9.13
C SER B 290 -28.60 14.99 9.35
N GLN B 291 -27.72 15.52 10.21
CA GLN B 291 -27.64 16.97 10.42
C GLN B 291 -26.68 17.62 9.42
N ARG B 292 -25.84 16.82 8.76
CA ARG B 292 -24.95 17.34 7.73
C ARG B 292 -25.82 17.70 6.53
N PRO B 293 -25.41 18.65 5.66
CA PRO B 293 -26.14 18.89 4.42
C PRO B 293 -26.04 17.69 3.46
N THR B 294 -26.91 17.67 2.45
CA THR B 294 -26.80 16.73 1.34
C THR B 294 -25.95 17.37 0.26
N PHE B 295 -25.49 16.55 -0.69
CA PHE B 295 -24.75 17.08 -1.82
C PHE B 295 -25.60 18.06 -2.62
N LYS B 296 -26.88 17.73 -2.76
CA LYS B 296 -27.88 18.58 -3.41
C LYS B 296 -27.88 19.98 -2.79
N GLN B 297 -27.89 20.07 -1.45
CA GLN B 297 -27.90 21.34 -0.73
C GLN B 297 -26.58 22.08 -0.92
N LEU B 298 -25.46 21.37 -0.87
CA LEU B 298 -24.15 21.99 -1.05
C LEU B 298 -24.06 22.62 -2.44
N VAL B 299 -24.58 21.90 -3.46
CA VAL B 299 -24.48 22.39 -4.83
C VAL B 299 -25.21 23.73 -4.96
N GLU B 300 -26.43 23.80 -4.41
CA GLU B 300 -27.24 25.01 -4.48
C GLU B 300 -26.52 26.18 -3.82
N ASP B 301 -26.00 25.96 -2.61
CA ASP B 301 -25.36 26.98 -1.81
C ASP B 301 -24.10 27.49 -2.53
N LEU B 302 -23.31 26.57 -3.08
CA LEU B 302 -22.04 26.93 -3.72
C LEU B 302 -22.31 27.67 -5.02
N ASP B 303 -23.37 27.27 -5.74
CA ASP B 303 -23.86 27.96 -6.92
C ASP B 303 -24.14 29.42 -6.59
N ARG B 304 -24.95 29.65 -5.55
CA ARG B 304 -25.29 30.99 -5.07
C ARG B 304 -24.01 31.79 -4.79
N ILE B 305 -23.08 31.20 -4.03
CA ILE B 305 -21.86 31.88 -3.64
C ILE B 305 -20.97 32.15 -4.86
N LEU B 306 -20.88 31.16 -5.77
CA LEU B 306 -20.10 31.33 -6.98
C LEU B 306 -20.68 32.45 -7.87
N THR B 307 -22.02 32.52 -7.99
CA THR B 307 -22.71 33.48 -8.84
C THR B 307 -22.47 34.90 -8.33
N LEU B 308 -22.45 35.07 -7.00
CA LEU B 308 -22.27 36.34 -6.32
C LEU B 308 -20.82 36.83 -6.45
N THR B 309 -19.88 35.89 -6.52
CA THR B 309 -18.45 36.17 -6.61
C THR B 309 -18.06 36.64 -8.02
N THR B 310 -18.94 36.36 -9.00
CA THR B 310 -18.70 36.65 -10.41
C THR B 310 -18.98 38.13 -10.73
C18 EVC C . 12.75 0.91 4.78
C19 EVC C . 11.53 0.38 4.38
C12 EVC C . 16.82 1.14 3.73
C17 EVC C . 13.38 0.43 5.90
C13 EVC C . 16.80 0.60 5.00
C20 EVC C . 10.94 -0.63 5.10
C9 EVC C . 19.03 1.26 5.37
C6 EVC C . 16.21 -1.23 9.85
C11 EVC C . 17.96 1.75 3.25
C8 EVC C . 17.89 0.66 5.85
C16 EVC C . 12.80 -0.57 6.66
C10 EVC C . 19.05 1.79 4.10
C21 EVC C . 11.58 -1.07 6.25
C3 EVC C . 16.89 -0.37 7.89
C1 EVC C . 14.69 -0.92 8.28
C37 EVC C . 16.85 2.31 1.06
C41 EVC C . 19.22 2.86 1.38
C38 EVC C . 17.06 3.44 0.07
C40 EVC C . 19.40 2.56 -0.10
C31 EVC C . 22.32 5.83 3.12
C35 EVC C . 21.39 5.81 5.41
C32 EVC C . 21.73 7.22 2.91
C34 EVC C . 20.67 7.12 5.12
C27 EVC C . 12.94 -4.82 4.98
C42 EVC C . 18.45 4.05 -1.92
C29 EVC C . 22.07 3.69 4.34
C26 EVC C . 12.61 -4.07 6.22
C28 EVC C . 20.90 2.85 4.82
N2 EVC C . 17.21 -0.75 9.12
N5 EVC C . 14.94 -1.37 9.50
N4 EVC C . 15.63 -0.43 7.45
N36 EVC C . 18.01 2.29 1.95
N39 EVC C . 18.19 3.07 -0.83
N30 EVC C . 21.55 5.07 4.13
N7 EVC C . 17.93 0.16 7.16
N15 EVC C . 13.40 -1.10 7.80
N23 EVC C . 11.18 -3.75 6.18
O24 EVC C . 11.32 -2.57 8.47
O25 EVC C . 9.36 -2.19 6.90
O33 EVC C . 21.39 7.88 4.13
O14 EVC C . 20.20 2.41 3.65
S22 EVC C . 10.77 -2.41 7.14
S SO4 D . -4.55 -11.77 5.91
O1 SO4 D . -3.58 -12.00 4.83
O2 SO4 D . -4.74 -13.07 6.55
O3 SO4 D . -4.25 -10.71 6.88
O4 SO4 D . -5.77 -11.39 5.23
C18 EVC E . -1.22 8.73 -10.55
C19 EVC E . -1.51 8.06 -9.36
C12 EVC E . -0.18 12.49 -12.04
C17 EVC E . -2.18 8.90 -11.53
C13 EVC E . -1.33 12.09 -12.68
C20 EVC E . -2.77 7.57 -9.14
C9 EVC E . -0.87 13.59 -14.43
C6 EVC E . -5.53 10.11 -15.22
C11 EVC E . 0.65 13.45 -12.58
C8 EVC E . -1.68 12.63 -13.90
C16 EVC E . -3.44 8.40 -11.32
C10 EVC E . 0.28 13.99 -13.80
C21 EVC E . -3.72 7.72 -10.13
C3 EVC E . -3.74 11.24 -14.45
C1 EVC E . -4.52 9.38 -13.37
C37 EVC E . 2.69 14.91 -12.40
C41 EVC E . 2.23 13.25 -10.62
C38 EVC E . 3.23 15.85 -11.35
C40 EVC E . 3.69 13.58 -10.38
C31 EVC E . 3.40 13.98 -17.53
C35 EVC E . 4.52 15.97 -16.66
C32 EVC E . 4.69 13.22 -17.42
C34 EVC E . 5.83 15.19 -16.62
C27 EVC E . -6.53 10.71 -8.41
C42 EVC E . 5.02 15.60 -9.63
C29 EVC E . 2.07 15.77 -16.43
C26 EVC E . -5.84 9.73 -9.34
C28 EVC E . 0.99 14.88 -15.81
N2 EVC E . -4.68 11.13 -15.37
N5 EVC E . -5.52 9.21 -14.23
N4 EVC E . -3.63 10.37 -13.45
N36 EVC E . 1.81 13.86 -11.88
N39 EVC E . 3.76 15.06 -10.21
N30 EVC E . 3.37 15.03 -16.50
N7 EVC E . -2.81 12.28 -14.65
N15 EVC E . -4.47 8.55 -12.26
N23 EVC E . -5.99 8.35 -8.82
O24 EVC E . -6.17 7.01 -10.99
O25 EVC E . -5.16 5.96 -8.92
O33 EVC E . 5.81 14.10 -17.55
O14 EVC E . 1.08 14.94 -14.38
S22 EVC E . -5.34 7.10 -9.80
S SO4 F . -13.16 -2.87 2.50
O1 SO4 F . -12.51 -3.85 1.66
O2 SO4 F . -14.39 -3.44 3.01
O3 SO4 F . -13.40 -1.70 1.68
O4 SO4 F . -12.37 -2.47 3.63
S SO4 G . -20.51 23.20 16.16
O1 SO4 G . -21.08 21.89 16.41
O2 SO4 G . -20.12 23.30 14.76
O3 SO4 G . -19.39 23.35 17.07
O4 SO4 G . -21.47 24.24 16.45
S SO4 H . -10.60 19.26 -20.72
O1 SO4 H . -10.81 17.94 -21.28
O2 SO4 H . -9.17 19.53 -20.63
O3 SO4 H . -11.26 19.33 -19.43
O4 SO4 H . -11.21 20.25 -21.57
#